data_3QMP
#
_entry.id   3QMP
#
_cell.length_a   67.967
_cell.length_b   67.967
_cell.length_c   102.215
_cell.angle_alpha   90.00
_cell.angle_beta   90.00
_cell.angle_gamma   90.00
#
_symmetry.space_group_name_H-M   'P 43 21 2'
#
loop_
_entity.id
_entity.type
_entity.pdbx_description
1 polymer 'Proteinase K'
2 non-polymer 'CALCIUM ION'
3 non-polymer GLYCEROL
4 non-polymer 'SELENATE ION'
5 water water
#
_entity_poly.entity_id   1
_entity_poly.type   'polypeptide(L)'
_entity_poly.pdbx_seq_one_letter_code
;AAQTNAPWGLARISSTSPGTSTYYYDESAGQGSCVYVIDTGIEASHPEFEGRAQMVKTYYYSSRDGNGHGTHCAGTVGSR
TYGVAKKTQLFGVKVLDDNGSGQYSTIIAGMDFVASDKNNRNCPKGVVASLSLGGGYSSSVNSAAARLQSSGVMVAVAAG
NNNADARNYSPASEPSVCTVGASDRYDRRSSFSNYGSVLDIFGPGTDILSTWIGGSTRSISGTSMATPHVAGLAAYLMTL
GKTTAASACRYIADTANKGDLSNIPFGTVNLLAYNNYQA
;
_entity_poly.pdbx_strand_id   A
#
# COMPACT_ATOMS: atom_id res chain seq x y z
N ALA A 1 -16.37 13.65 -3.92
CA ALA A 1 -16.32 13.13 -5.33
C ALA A 1 -16.79 11.70 -5.31
N ALA A 2 -17.37 11.27 -6.43
CA ALA A 2 -17.90 9.92 -6.61
C ALA A 2 -17.37 9.34 -7.91
N GLN A 3 -16.79 8.15 -7.82
CA GLN A 3 -16.36 7.36 -8.97
C GLN A 3 -17.32 6.19 -9.09
N THR A 4 -18.16 6.19 -10.11
CA THR A 4 -19.10 5.07 -10.27
CA THR A 4 -19.10 5.12 -10.36
C THR A 4 -18.39 3.88 -10.90
N ASN A 5 -18.96 2.71 -10.63
CA ASN A 5 -18.42 1.43 -11.09
CA ASN A 5 -18.42 1.47 -11.18
C ASN A 5 -16.93 1.32 -10.82
N ALA A 6 -16.57 1.65 -9.59
CA ALA A 6 -15.21 1.55 -9.12
C ALA A 6 -14.86 0.10 -8.81
N PRO A 7 -13.55 -0.24 -8.79
CA PRO A 7 -13.17 -1.53 -8.28
C PRO A 7 -13.73 -1.72 -6.87
N TRP A 8 -14.09 -2.95 -6.53
CA TRP A 8 -14.78 -3.18 -5.26
C TRP A 8 -13.98 -2.66 -4.07
N GLY A 9 -12.66 -2.78 -4.12
CA GLY A 9 -11.83 -2.39 -3.00
C GLY A 9 -11.86 -0.90 -2.73
N LEU A 10 -11.91 -0.10 -3.80
CA LEU A 10 -12.05 1.33 -3.63
C LEU A 10 -13.42 1.65 -3.01
N ALA A 11 -14.47 1.05 -3.53
CA ALA A 11 -15.80 1.26 -2.94
C ALA A 11 -15.80 0.83 -1.48
N ARG A 12 -15.09 -0.25 -1.17
CA ARG A 12 -15.10 -0.77 0.20
C ARG A 12 -14.45 0.21 1.16
N ILE A 13 -13.35 0.85 0.76
CA ILE A 13 -12.63 1.74 1.65
CA ILE A 13 -12.69 1.67 1.75
C ILE A 13 -13.38 3.02 1.97
N SER A 14 -14.41 3.36 1.19
CA SER A 14 -15.23 4.52 1.52
C SER A 14 -16.64 4.14 1.97
N SER A 15 -16.84 2.91 2.43
CA SER A 15 -18.16 2.44 2.82
C SER A 15 -18.16 1.81 4.20
N THR A 16 -19.27 1.99 4.90
CA THR A 16 -19.51 1.25 6.12
C THR A 16 -20.07 -0.14 5.87
N SER A 17 -20.30 -0.51 4.61
CA SER A 17 -20.87 -1.81 4.27
CA SER A 17 -20.85 -1.81 4.28
C SER A 17 -20.22 -2.39 3.02
N PRO A 18 -20.11 -3.72 2.96
CA PRO A 18 -19.70 -4.36 1.72
C PRO A 18 -20.84 -4.27 0.69
N GLY A 19 -20.53 -4.59 -0.55
CA GLY A 19 -21.55 -4.76 -1.56
C GLY A 19 -21.97 -3.53 -2.33
N THR A 20 -21.15 -2.48 -2.30
CA THR A 20 -21.41 -1.30 -3.10
C THR A 20 -20.28 -1.13 -4.11
N SER A 21 -20.50 -0.24 -5.08
CA SER A 21 -19.59 -0.14 -6.22
C SER A 21 -19.19 1.29 -6.59
N THR A 22 -19.45 2.25 -5.73
CA THR A 22 -19.07 3.65 -5.96
C THR A 22 -18.05 4.03 -4.91
N TYR A 23 -16.94 4.63 -5.33
CA TYR A 23 -15.90 5.13 -4.44
C TYR A 23 -16.13 6.62 -4.20
N TYR A 24 -16.22 6.99 -2.92
CA TYR A 24 -16.43 8.38 -2.50
C TYR A 24 -15.19 8.91 -1.79
N TYR A 25 -14.74 10.09 -2.18
CA TYR A 25 -13.53 10.62 -1.59
C TYR A 25 -13.47 12.13 -1.79
N ASP A 26 -12.73 12.80 -0.92
CA ASP A 26 -12.50 14.22 -1.05
C ASP A 26 -11.65 14.50 -2.29
N GLU A 27 -12.04 15.51 -3.06
CA GLU A 27 -11.40 15.81 -4.33
CA GLU A 27 -11.40 15.83 -4.33
C GLU A 27 -9.93 16.20 -4.22
N SER A 28 -9.46 16.57 -3.02
CA SER A 28 -8.03 16.82 -2.84
C SER A 28 -7.20 15.60 -3.28
N ALA A 29 -7.70 14.38 -3.00
CA ALA A 29 -7.20 13.17 -3.66
C ALA A 29 -5.69 12.93 -3.48
N GLY A 30 -5.15 13.31 -2.33
CA GLY A 30 -3.73 13.11 -2.08
C GLY A 30 -2.80 14.07 -2.81
N GLN A 31 -3.32 15.14 -3.40
CA GLN A 31 -2.44 16.11 -4.04
CA GLN A 31 -2.51 16.19 -4.01
C GLN A 31 -1.46 16.67 -3.01
N GLY A 32 -0.20 16.80 -3.42
CA GLY A 32 0.83 17.35 -2.57
C GLY A 32 1.51 16.31 -1.68
N SER A 33 1.03 15.07 -1.71
CA SER A 33 1.68 13.95 -1.04
C SER A 33 2.51 13.17 -2.04
N CYS A 34 3.32 12.26 -1.52
CA CYS A 34 4.15 11.37 -2.33
C CYS A 34 4.09 9.97 -1.78
N VAL A 35 4.03 8.98 -2.68
CA VAL A 35 4.08 7.59 -2.28
C VAL A 35 5.17 6.90 -3.08
N TYR A 36 6.14 6.33 -2.36
CA TYR A 36 7.16 5.47 -2.94
C TYR A 36 6.63 4.05 -2.98
N VAL A 37 6.72 3.42 -4.15
CA VAL A 37 6.32 2.03 -4.34
C VAL A 37 7.61 1.26 -4.55
N ILE A 38 7.97 0.48 -3.53
CA ILE A 38 9.28 -0.20 -3.47
C ILE A 38 8.99 -1.64 -3.91
N ASP A 39 9.35 -1.98 -5.14
CA ASP A 39 8.76 -3.15 -5.78
C ASP A 39 9.55 -3.49 -7.07
N THR A 40 8.87 -4.03 -8.07
CA THR A 40 9.48 -4.37 -9.35
C THR A 40 9.59 -3.20 -10.33
N GLY A 41 9.23 -1.99 -9.90
CA GLY A 41 9.18 -0.84 -10.78
C GLY A 41 7.75 -0.40 -11.02
N ILE A 42 7.62 0.62 -11.86
CA ILE A 42 6.33 1.17 -12.25
C ILE A 42 6.44 1.53 -13.73
N GLU A 43 5.46 1.09 -14.52
CA GLU A 43 5.37 1.53 -15.92
C GLU A 43 4.76 2.92 -15.95
N ALA A 44 5.62 3.91 -15.79
CA ALA A 44 5.20 5.29 -15.62
C ALA A 44 4.46 5.84 -16.83
N SER A 45 4.72 5.29 -18.02
CA SER A 45 4.06 5.73 -19.24
C SER A 45 2.60 5.28 -19.32
N HIS A 46 2.14 4.44 -18.40
CA HIS A 46 0.75 3.98 -18.46
C HIS A 46 -0.17 5.20 -18.42
N PRO A 47 -1.15 5.31 -19.34
CA PRO A 47 -2.05 6.45 -19.30
C PRO A 47 -2.73 6.66 -17.94
N GLU A 48 -2.95 5.57 -17.21
CA GLU A 48 -3.58 5.64 -15.91
C GLU A 48 -2.82 6.49 -14.88
N PHE A 49 -1.51 6.70 -15.08
CA PHE A 49 -0.73 7.50 -14.13
C PHE A 49 -0.68 8.97 -14.47
N GLU A 50 -1.06 9.35 -15.68
CA GLU A 50 -1.27 10.76 -16.04
C GLU A 50 -0.02 11.64 -15.84
N GLY A 51 1.16 11.05 -15.95
CA GLY A 51 2.40 11.79 -15.74
C GLY A 51 2.80 11.97 -14.29
N ARG A 52 2.03 11.43 -13.35
CA ARG A 52 2.28 11.55 -11.93
C ARG A 52 3.20 10.46 -11.36
N ALA A 53 3.59 9.49 -12.19
CA ALA A 53 4.53 8.45 -11.77
C ALA A 53 5.88 8.64 -12.42
N GLN A 54 6.92 8.27 -11.70
CA GLN A 54 8.26 8.23 -12.27
CA GLN A 54 8.28 8.28 -12.24
C GLN A 54 9.11 7.25 -11.50
N MET A 55 10.04 6.64 -12.20
CA MET A 55 11.06 5.83 -11.57
C MET A 55 12.16 6.73 -11.04
N VAL A 56 12.58 6.47 -9.81
CA VAL A 56 13.65 7.24 -9.20
C VAL A 56 14.89 6.41 -8.86
N LYS A 57 14.77 5.08 -8.82
CA LYS A 57 15.92 4.24 -8.48
C LYS A 57 15.69 2.82 -8.95
N THR A 58 16.75 2.19 -9.42
CA THR A 58 16.78 0.77 -9.69
C THR A 58 18.12 0.22 -9.26
N TYR A 59 18.14 -1.07 -8.93
CA TYR A 59 19.36 -1.81 -8.60
C TYR A 59 19.71 -2.84 -9.66
N TYR A 60 19.00 -2.78 -10.80
CA TYR A 60 19.14 -3.75 -11.90
C TYR A 60 19.42 -3.03 -13.22
N TYR A 61 19.53 -3.79 -14.30
CA TYR A 61 19.92 -3.22 -15.60
CA TYR A 61 19.93 -3.22 -15.60
C TYR A 61 18.93 -2.21 -16.15
N SER A 62 17.70 -2.26 -15.68
CA SER A 62 16.71 -1.31 -16.13
C SER A 62 15.86 -0.88 -14.94
N SER A 63 15.24 0.28 -15.08
CA SER A 63 14.23 0.71 -14.15
CA SER A 63 14.22 0.76 -14.17
C SER A 63 12.82 0.30 -14.59
N ARG A 64 12.70 -0.31 -15.78
CA ARG A 64 11.43 -0.81 -16.31
CA ARG A 64 11.39 -0.72 -16.23
C ARG A 64 10.85 -1.89 -15.42
N ASP A 65 9.54 -1.88 -15.21
CA ASP A 65 8.84 -3.00 -14.61
C ASP A 65 8.61 -4.05 -15.68
N GLY A 66 9.44 -5.08 -15.67
CA GLY A 66 9.27 -6.21 -16.57
C GLY A 66 8.41 -7.32 -16.01
N ASN A 67 7.78 -7.07 -14.86
CA ASN A 67 6.97 -8.07 -14.18
C ASN A 67 5.48 -7.73 -14.22
N GLY A 68 5.14 -6.54 -13.73
CA GLY A 68 3.77 -6.09 -13.59
C GLY A 68 3.35 -5.83 -12.16
N HIS A 69 3.92 -6.57 -11.21
CA HIS A 69 3.50 -6.47 -9.81
C HIS A 69 3.60 -5.05 -9.26
N GLY A 70 4.72 -4.39 -9.49
CA GLY A 70 4.90 -3.03 -8.99
C GLY A 70 3.96 -2.04 -9.64
N THR A 71 3.71 -2.22 -10.94
CA THR A 71 2.76 -1.38 -11.66
C THR A 71 1.35 -1.56 -11.10
N HIS A 72 0.99 -2.79 -10.76
CA HIS A 72 -0.34 -3.07 -10.21
C HIS A 72 -0.49 -2.37 -8.86
N CYS A 73 0.51 -2.54 -7.99
CA CYS A 73 0.48 -1.91 -6.67
C CYS A 73 0.43 -0.39 -6.79
N ALA A 74 1.26 0.18 -7.66
CA ALA A 74 1.25 1.63 -7.88
C ALA A 74 -0.13 2.09 -8.36
N GLY A 75 -0.78 1.31 -9.21
CA GLY A 75 -2.10 1.64 -9.67
C GLY A 75 -3.12 1.72 -8.55
N THR A 76 -3.02 0.83 -7.58
CA THR A 76 -3.94 0.84 -6.46
C THR A 76 -3.66 2.04 -5.55
N VAL A 77 -2.39 2.44 -5.42
CA VAL A 77 -2.10 3.67 -4.69
C VAL A 77 -2.74 4.89 -5.35
N GLY A 78 -2.49 5.06 -6.65
CA GLY A 78 -2.62 6.38 -7.25
C GLY A 78 -3.03 6.49 -8.70
N SER A 79 -3.44 5.42 -9.37
CA SER A 79 -3.94 5.59 -10.73
C SER A 79 -5.29 6.28 -10.76
N ARG A 80 -5.60 6.89 -11.90
CA ARG A 80 -6.85 7.64 -12.03
C ARG A 80 -8.09 6.78 -11.82
N THR A 81 -8.11 5.57 -12.37
CA THR A 81 -9.27 4.70 -12.24
C THR A 81 -9.16 3.75 -11.04
N TYR A 82 -7.97 3.18 -10.84
CA TYR A 82 -7.81 2.08 -9.91
C TYR A 82 -7.24 2.51 -8.56
N GLY A 83 -6.94 3.80 -8.39
CA GLY A 83 -6.22 4.26 -7.24
C GLY A 83 -7.04 4.92 -6.15
N VAL A 84 -6.56 4.78 -4.93
CA VAL A 84 -7.12 5.43 -3.77
C VAL A 84 -6.88 6.95 -3.75
N ALA A 85 -5.64 7.36 -4.03
CA ALA A 85 -5.18 8.75 -3.93
C ALA A 85 -4.84 9.21 -5.34
N LYS A 86 -5.85 9.70 -6.04
CA LYS A 86 -5.80 9.86 -7.50
C LYS A 86 -4.96 11.04 -7.98
N LYS A 87 -4.45 11.88 -7.05
CA LYS A 87 -3.60 13.00 -7.41
CA LYS A 87 -3.60 13.00 -7.39
C LYS A 87 -2.24 12.98 -6.69
N THR A 88 -1.90 11.86 -6.04
CA THR A 88 -0.59 11.77 -5.42
C THR A 88 0.52 11.64 -6.47
N GLN A 89 1.73 11.92 -6.04
CA GLN A 89 2.95 11.69 -6.80
CA GLN A 89 2.93 11.67 -6.84
C GLN A 89 3.47 10.30 -6.48
N LEU A 90 3.76 9.50 -7.50
CA LEU A 90 4.23 8.13 -7.32
C LEU A 90 5.70 8.05 -7.72
N PHE A 91 6.51 7.45 -6.86
CA PHE A 91 7.93 7.28 -7.11
C PHE A 91 8.26 5.80 -7.04
N GLY A 92 8.85 5.26 -8.11
CA GLY A 92 9.19 3.84 -8.14
C GLY A 92 10.62 3.60 -7.73
N VAL A 93 10.80 2.59 -6.86
CA VAL A 93 12.12 2.13 -6.44
C VAL A 93 12.17 0.64 -6.73
N LYS A 94 12.97 0.24 -7.72
CA LYS A 94 12.98 -1.14 -8.19
C LYS A 94 14.01 -1.94 -7.40
N VAL A 95 13.55 -2.54 -6.30
CA VAL A 95 14.34 -3.47 -5.50
C VAL A 95 14.11 -4.92 -5.87
N LEU A 96 13.06 -5.21 -6.63
CA LEU A 96 12.74 -6.55 -7.08
C LEU A 96 13.01 -6.66 -8.55
N ASP A 97 13.59 -7.79 -8.95
CA ASP A 97 13.89 -8.05 -10.34
C ASP A 97 12.60 -8.40 -11.10
N ASP A 98 12.72 -8.68 -12.39
CA ASP A 98 11.54 -8.92 -13.22
C ASP A 98 10.87 -10.26 -12.97
N ASN A 99 11.52 -11.10 -12.17
CA ASN A 99 10.88 -12.30 -11.65
C ASN A 99 10.17 -12.08 -10.32
N GLY A 100 10.21 -10.85 -9.79
CA GLY A 100 9.58 -10.53 -8.51
C GLY A 100 10.42 -10.82 -7.29
N SER A 101 11.70 -11.15 -7.49
CA SER A 101 12.61 -11.55 -6.42
CA SER A 101 12.62 -11.55 -6.43
C SER A 101 13.60 -10.44 -6.09
N GLY A 102 14.06 -10.38 -4.85
CA GLY A 102 15.12 -9.46 -4.50
C GLY A 102 15.85 -9.90 -3.27
N GLN A 103 17.15 -9.67 -3.24
CA GLN A 103 17.94 -9.92 -2.04
C GLN A 103 17.56 -8.94 -0.94
N TYR A 104 17.60 -9.40 0.29
CA TYR A 104 17.33 -8.51 1.41
C TYR A 104 18.30 -7.33 1.46
N SER A 105 19.56 -7.52 1.07
CA SER A 105 20.49 -6.40 1.04
C SER A 105 20.03 -5.29 0.11
N THR A 106 19.47 -5.66 -1.03
CA THR A 106 18.94 -4.69 -1.98
C THR A 106 17.69 -3.99 -1.44
N ILE A 107 16.82 -4.76 -0.81
CA ILE A 107 15.58 -4.22 -0.24
C ILE A 107 15.92 -3.21 0.88
N ILE A 108 16.90 -3.55 1.72
CA ILE A 108 17.36 -2.63 2.76
C ILE A 108 17.91 -1.35 2.15
N ALA A 109 18.76 -1.48 1.14
CA ALA A 109 19.31 -0.29 0.47
C ALA A 109 18.17 0.58 -0.09
N GLY A 110 17.15 -0.04 -0.64
CA GLY A 110 16.02 0.69 -1.18
C GLY A 110 15.26 1.47 -0.13
N MET A 111 15.08 0.89 1.05
CA MET A 111 14.45 1.60 2.15
C MET A 111 15.27 2.79 2.60
N ASP A 112 16.58 2.57 2.78
N ASP A 112 16.56 2.60 2.83
CA ASP A 112 17.51 3.65 3.10
CA ASP A 112 17.39 3.74 3.24
C ASP A 112 17.40 4.76 2.08
C ASP A 112 17.48 4.78 2.09
N PHE A 113 17.38 4.35 0.83
CA PHE A 113 17.28 5.26 -0.29
C PHE A 113 16.07 6.19 -0.15
N VAL A 114 14.90 5.61 0.13
CA VAL A 114 13.71 6.43 0.26
C VAL A 114 13.82 7.43 1.42
N ALA A 115 14.38 6.98 2.54
CA ALA A 115 14.51 7.86 3.70
C ALA A 115 15.29 9.12 3.34
N SER A 116 16.32 8.97 2.50
CA SER A 116 17.08 10.13 2.07
C SER A 116 16.44 10.86 0.89
N ASP A 117 15.98 10.10 -0.10
CA ASP A 117 15.52 10.66 -1.35
C ASP A 117 14.32 11.56 -1.16
N LYS A 118 13.52 11.34 -0.13
CA LYS A 118 12.37 12.21 0.07
C LYS A 118 12.82 13.67 0.23
N ASN A 119 14.05 13.89 0.69
CA ASN A 119 14.61 15.23 0.83
C ASN A 119 14.94 15.89 -0.51
N ASN A 120 14.85 15.13 -1.59
N ASN A 120 14.90 15.11 -1.58
CA ASN A 120 15.03 15.61 -2.95
CA ASN A 120 15.05 15.58 -2.97
C ASN A 120 13.72 15.79 -3.69
C ASN A 120 13.72 15.95 -3.64
N ARG A 121 12.60 15.61 -3.01
CA ARG A 121 11.28 15.67 -3.61
C ARG A 121 10.41 16.68 -2.92
N ASN A 122 9.38 17.14 -3.62
CA ASN A 122 8.40 18.07 -3.07
C ASN A 122 7.14 17.33 -2.67
N CYS A 123 6.99 17.16 -1.36
CA CYS A 123 5.91 16.39 -0.78
C CYS A 123 5.39 17.15 0.44
N PRO A 124 4.82 18.35 0.21
CA PRO A 124 4.44 19.19 1.36
C PRO A 124 3.39 18.57 2.27
N LYS A 125 2.59 17.65 1.76
CA LYS A 125 1.56 17.00 2.57
C LYS A 125 2.06 15.71 3.21
N GLY A 126 3.26 15.26 2.89
CA GLY A 126 3.86 14.11 3.53
C GLY A 126 4.21 12.99 2.57
N VAL A 127 4.88 11.98 3.13
CA VAL A 127 5.52 10.93 2.38
C VAL A 127 5.11 9.57 2.93
N VAL A 128 4.79 8.65 2.02
CA VAL A 128 4.40 7.29 2.31
C VAL A 128 5.31 6.34 1.52
N ALA A 129 5.55 5.15 2.05
CA ALA A 129 6.22 4.10 1.31
C ALA A 129 5.38 2.83 1.41
N SER A 130 5.19 2.17 0.28
CA SER A 130 4.41 0.95 0.17
C SER A 130 5.33 -0.21 -0.22
N LEU A 131 5.36 -1.23 0.65
CA LEU A 131 6.23 -2.39 0.49
CA LEU A 131 6.24 -2.38 0.53
C LEU A 131 5.41 -3.67 0.42
N SER A 132 5.03 -4.01 -0.80
CA SER A 132 4.30 -5.24 -1.10
C SER A 132 5.29 -6.36 -1.37
N LEU A 133 6.02 -6.74 -0.31
CA LEU A 133 7.08 -7.72 -0.43
C LEU A 133 7.39 -8.25 0.95
N GLY A 134 8.09 -9.37 0.98
CA GLY A 134 8.63 -9.86 2.22
C GLY A 134 9.17 -11.26 2.08
N GLY A 135 9.81 -11.73 3.15
CA GLY A 135 10.30 -13.09 3.24
C GLY A 135 10.37 -13.46 4.70
N GLY A 136 11.27 -14.37 5.04
CA GLY A 136 11.42 -14.83 6.41
C GLY A 136 11.95 -13.75 7.35
N TYR A 137 11.78 -13.98 8.64
CA TYR A 137 12.19 -13.01 9.65
C TYR A 137 13.64 -12.58 9.48
N SER A 138 13.86 -11.28 9.48
CA SER A 138 15.19 -10.69 9.46
C SER A 138 15.20 -9.44 10.31
N SER A 139 16.04 -9.42 11.33
CA SER A 139 16.12 -8.22 12.16
CA SER A 139 16.16 -8.22 12.17
C SER A 139 16.65 -7.04 11.36
N SER A 140 17.53 -7.29 10.39
CA SER A 140 18.09 -6.21 9.56
CA SER A 140 18.08 -6.18 9.60
C SER A 140 17.04 -5.60 8.65
N VAL A 141 16.19 -6.42 8.06
CA VAL A 141 15.11 -5.90 7.22
C VAL A 141 14.12 -5.11 8.09
N ASN A 142 13.77 -5.65 9.26
CA ASN A 142 12.86 -4.93 10.16
C ASN A 142 13.45 -3.60 10.59
N SER A 143 14.74 -3.59 10.89
CA SER A 143 15.39 -2.36 11.32
CA SER A 143 15.41 -2.35 11.32
CA SER A 143 15.38 -2.34 11.33
C SER A 143 15.38 -1.30 10.22
N ALA A 144 15.58 -1.73 8.97
CA ALA A 144 15.52 -0.81 7.84
C ALA A 144 14.13 -0.18 7.72
N ALA A 145 13.11 -1.00 7.89
CA ALA A 145 11.74 -0.50 7.84
C ALA A 145 11.49 0.47 9.00
N ALA A 146 11.99 0.13 10.18
CA ALA A 146 11.86 1.00 11.35
C ALA A 146 12.56 2.34 11.11
N ARG A 147 13.74 2.32 10.51
CA ARG A 147 14.43 3.57 10.21
C ARG A 147 13.64 4.43 9.25
N LEU A 148 13.11 3.80 8.19
CA LEU A 148 12.37 4.55 7.19
C LEU A 148 11.17 5.24 7.86
N GLN A 149 10.45 4.52 8.70
CA GLN A 149 9.33 5.07 9.44
C GLN A 149 9.79 6.21 10.35
N SER A 150 10.84 5.96 11.14
CA SER A 150 11.40 6.97 12.04
C SER A 150 11.78 8.27 11.31
N SER A 151 12.24 8.14 10.07
CA SER A 151 12.67 9.29 9.28
C SER A 151 11.54 10.19 8.84
N GLY A 152 10.29 9.81 9.09
CA GLY A 152 9.16 10.62 8.72
C GLY A 152 8.37 10.13 7.51
N VAL A 153 8.42 8.85 7.24
CA VAL A 153 7.68 8.24 6.14
C VAL A 153 6.66 7.26 6.72
N MET A 154 5.42 7.35 6.25
CA MET A 154 4.41 6.38 6.63
C MET A 154 4.69 5.08 5.89
N VAL A 155 5.18 4.06 6.60
CA VAL A 155 5.55 2.80 5.97
C VAL A 155 4.41 1.80 6.13
N ALA A 156 3.91 1.32 5.00
CA ALA A 156 2.88 0.27 4.93
C ALA A 156 3.52 -0.96 4.30
N VAL A 157 3.38 -2.11 4.96
CA VAL A 157 3.98 -3.35 4.50
C VAL A 157 2.96 -4.48 4.45
N ALA A 158 3.16 -5.39 3.52
CA ALA A 158 2.28 -6.55 3.39
C ALA A 158 2.48 -7.51 4.54
N ALA A 159 1.41 -8.08 5.05
CA ALA A 159 1.52 -9.08 6.12
C ALA A 159 2.12 -10.39 5.61
N GLY A 160 1.91 -10.69 4.34
CA GLY A 160 2.33 -11.94 3.72
C GLY A 160 1.18 -12.88 3.46
N ASN A 161 1.44 -13.85 2.60
CA ASN A 161 0.41 -14.70 2.00
C ASN A 161 0.56 -16.17 2.40
N ASN A 162 0.94 -16.42 3.65
CA ASN A 162 1.24 -17.76 4.15
C ASN A 162 0.13 -18.36 5.01
N ASN A 163 -0.99 -17.66 5.16
CA ASN A 163 -2.04 -18.04 6.11
C ASN A 163 -1.43 -18.46 7.44
N ALA A 164 -0.54 -17.61 7.94
CA ALA A 164 0.25 -17.89 9.14
C ALA A 164 0.45 -16.61 9.95
N ASP A 165 1.03 -16.76 11.13
CA ASP A 165 1.32 -15.59 11.95
C ASP A 165 2.45 -14.79 11.30
N ALA A 166 2.19 -13.50 11.08
CA ALA A 166 3.14 -12.59 10.47
C ALA A 166 4.39 -12.35 11.30
N ARG A 167 4.40 -12.80 12.56
CA ARG A 167 5.59 -12.69 13.42
CA ARG A 167 5.59 -12.62 13.40
C ARG A 167 6.85 -13.24 12.78
N ASN A 168 6.69 -14.20 11.88
CA ASN A 168 7.83 -14.92 11.29
C ASN A 168 8.23 -14.41 9.92
N TYR A 169 7.76 -13.23 9.55
CA TYR A 169 8.05 -12.66 8.23
C TYR A 169 8.51 -11.22 8.38
N SER A 170 9.29 -10.76 7.41
CA SER A 170 9.81 -9.40 7.41
C SER A 170 9.63 -8.75 6.05
N PRO A 171 9.36 -7.44 6.01
CA PRO A 171 9.23 -6.53 7.15
C PRO A 171 7.89 -6.55 7.91
N ALA A 172 7.00 -7.50 7.58
CA ALA A 172 5.70 -7.60 8.26
C ALA A 172 5.80 -7.53 9.79
N SER A 173 6.79 -8.21 10.36
CA SER A 173 6.89 -8.31 11.80
C SER A 173 7.50 -7.10 12.50
N GLU A 174 7.94 -6.08 11.77
CA GLU A 174 8.46 -4.88 12.43
C GLU A 174 7.30 -4.15 13.09
N PRO A 175 7.32 -3.98 14.43
CA PRO A 175 6.15 -3.40 15.07
CA PRO A 175 6.13 -3.40 15.06
C PRO A 175 5.82 -1.96 14.66
N SER A 176 6.84 -1.18 14.36
CA SER A 176 6.65 0.26 14.22
C SER A 176 6.07 0.72 12.88
N VAL A 177 5.96 -0.18 11.91
CA VAL A 177 5.36 0.14 10.62
C VAL A 177 3.90 -0.30 10.62
N CYS A 178 3.23 -0.15 9.48
CA CYS A 178 1.81 -0.47 9.36
C CYS A 178 1.68 -1.78 8.59
N THR A 179 1.38 -2.85 9.30
CA THR A 179 1.35 -4.19 8.71
C THR A 179 -0.07 -4.53 8.29
N VAL A 180 -0.23 -4.85 7.00
CA VAL A 180 -1.54 -4.89 6.35
C VAL A 180 -1.93 -6.30 5.92
N GLY A 181 -3.02 -6.80 6.47
CA GLY A 181 -3.66 -8.03 6.01
C GLY A 181 -4.65 -7.79 4.90
N ALA A 182 -5.14 -8.88 4.30
CA ALA A 182 -6.04 -8.82 3.15
C ALA A 182 -7.42 -9.37 3.46
N SER A 183 -8.43 -8.71 2.90
CA SER A 183 -9.81 -9.17 2.92
C SER A 183 -10.39 -9.30 1.51
N ASP A 184 -11.53 -9.96 1.43
CA ASP A 184 -12.25 -10.13 0.17
C ASP A 184 -13.55 -9.31 0.14
N ARG A 185 -14.24 -9.38 -0.99
CA ARG A 185 -15.40 -8.52 -1.23
CA ARG A 185 -15.38 -8.50 -1.21
C ARG A 185 -16.59 -8.83 -0.36
N TYR A 186 -16.57 -9.99 0.31
CA TYR A 186 -17.61 -10.38 1.25
C TYR A 186 -17.16 -10.20 2.70
N ASP A 187 -16.12 -9.40 2.91
CA ASP A 187 -15.61 -9.10 4.24
C ASP A 187 -15.11 -10.34 4.98
N ARG A 188 -14.57 -11.29 4.22
CA ARG A 188 -13.85 -12.42 4.80
C ARG A 188 -12.36 -12.13 4.78
N ARG A 189 -11.63 -12.60 5.80
CA ARG A 189 -10.19 -12.62 5.69
C ARG A 189 -9.81 -13.39 4.42
N SER A 190 -8.94 -12.83 3.60
CA SER A 190 -8.51 -13.54 2.40
C SER A 190 -7.89 -14.86 2.81
N SER A 191 -8.09 -15.90 2.00
CA SER A 191 -7.70 -17.25 2.37
CA SER A 191 -7.71 -17.26 2.35
C SER A 191 -6.22 -17.39 2.70
N PHE A 192 -5.40 -16.61 2.00
CA PHE A 192 -3.95 -16.63 2.11
C PHE A 192 -3.40 -15.63 3.13
N SER A 193 -4.23 -14.74 3.66
CA SER A 193 -3.67 -13.63 4.43
C SER A 193 -3.04 -14.10 5.71
N ASN A 194 -1.83 -13.61 5.99
CA ASN A 194 -1.28 -13.76 7.32
C ASN A 194 -2.13 -12.96 8.32
N TYR A 195 -1.88 -13.26 9.59
CA TYR A 195 -2.62 -12.72 10.72
C TYR A 195 -1.66 -12.61 11.90
N GLY A 196 -2.21 -12.29 13.08
CA GLY A 196 -1.41 -12.21 14.28
C GLY A 196 -1.47 -10.84 14.90
N SER A 197 -0.90 -10.77 16.09
CA SER A 197 -0.87 -9.55 16.90
CA SER A 197 -0.89 -9.54 16.89
C SER A 197 -0.19 -8.37 16.21
N VAL A 198 0.76 -8.63 15.30
CA VAL A 198 1.49 -7.54 14.67
C VAL A 198 0.69 -6.85 13.57
N LEU A 199 -0.37 -7.47 13.05
CA LEU A 199 -1.18 -6.76 12.07
C LEU A 199 -1.78 -5.51 12.69
N ASP A 200 -1.77 -4.44 11.91
CA ASP A 200 -2.40 -3.17 12.29
C ASP A 200 -3.79 -2.97 11.69
N ILE A 201 -4.02 -3.56 10.52
CA ILE A 201 -5.17 -3.19 9.69
C ILE A 201 -5.31 -4.21 8.57
N PHE A 202 -6.53 -4.34 8.05
CA PHE A 202 -6.81 -5.08 6.83
C PHE A 202 -7.23 -4.12 5.73
N GLY A 203 -6.91 -4.49 4.50
CA GLY A 203 -7.43 -3.80 3.32
C GLY A 203 -7.84 -4.80 2.26
N PRO A 204 -8.57 -4.33 1.23
CA PRO A 204 -8.98 -5.21 0.14
C PRO A 204 -7.79 -5.87 -0.55
N GLY A 205 -7.80 -7.20 -0.66
CA GLY A 205 -6.70 -7.92 -1.27
C GLY A 205 -7.04 -9.09 -2.17
N THR A 206 -8.30 -9.49 -2.26
CA THR A 206 -8.72 -10.57 -3.14
C THR A 206 -9.42 -9.99 -4.36
N ASP A 207 -8.93 -10.36 -5.54
CA ASP A 207 -9.52 -9.97 -6.82
C ASP A 207 -9.55 -8.45 -7.00
N ILE A 208 -8.36 -7.87 -6.98
CA ILE A 208 -8.16 -6.43 -7.07
C ILE A 208 -7.71 -6.05 -8.49
N LEU A 209 -8.57 -5.29 -9.17
CA LEU A 209 -8.29 -4.77 -10.50
CA LEU A 209 -8.31 -4.75 -10.51
C LEU A 209 -7.39 -3.54 -10.41
N SER A 210 -6.32 -3.53 -11.20
CA SER A 210 -5.42 -2.39 -11.27
C SER A 210 -4.66 -2.43 -12.60
N THR A 211 -3.75 -1.48 -12.75
CA THR A 211 -2.87 -1.38 -13.89
C THR A 211 -1.92 -2.57 -14.00
N TRP A 212 -1.49 -2.82 -15.23
CA TRP A 212 -0.48 -3.82 -15.52
C TRP A 212 0.40 -3.28 -16.65
N ILE A 213 1.53 -3.94 -16.85
CA ILE A 213 2.47 -3.54 -17.88
C ILE A 213 1.90 -3.77 -19.28
N GLY A 214 2.52 -3.11 -20.23
CA GLY A 214 1.97 -3.06 -21.58
C GLY A 214 0.70 -2.23 -21.68
N GLY A 215 0.54 -1.26 -20.78
CA GLY A 215 -0.60 -0.36 -20.84
C GLY A 215 -1.93 -1.07 -20.59
N SER A 216 -1.90 -2.13 -19.79
CA SER A 216 -3.04 -3.02 -19.62
CA SER A 216 -3.05 -3.00 -19.63
C SER A 216 -3.61 -2.93 -18.20
N THR A 217 -4.52 -3.84 -17.87
CA THR A 217 -5.09 -3.99 -16.54
C THR A 217 -5.29 -5.46 -16.26
N ARG A 218 -5.30 -5.82 -14.99
CA ARG A 218 -5.72 -7.16 -14.59
C ARG A 218 -6.06 -7.18 -13.12
N SER A 219 -6.76 -8.25 -12.74
CA SER A 219 -7.13 -8.51 -11.37
CA SER A 219 -7.13 -8.52 -11.36
C SER A 219 -6.26 -9.62 -10.80
N ILE A 220 -5.62 -9.34 -9.66
CA ILE A 220 -4.81 -10.33 -8.94
C ILE A 220 -5.08 -10.17 -7.44
N SER A 221 -4.56 -11.11 -6.66
CA SER A 221 -4.84 -11.18 -5.24
C SER A 221 -3.56 -11.28 -4.41
N GLY A 222 -3.60 -10.71 -3.23
CA GLY A 222 -2.49 -10.84 -2.30
C GLY A 222 -2.54 -9.79 -1.22
N THR A 223 -1.79 -9.99 -0.13
CA THR A 223 -1.54 -8.89 0.78
C THR A 223 -0.76 -7.77 0.08
N SER A 224 -0.11 -8.07 -1.03
CA SER A 224 0.49 -7.06 -1.87
C SER A 224 -0.51 -6.05 -2.43
N MET A 225 -1.77 -6.48 -2.60
CA MET A 225 -2.82 -5.63 -3.14
C MET A 225 -3.51 -4.83 -2.03
N ALA A 226 -3.56 -5.39 -0.82
CA ALA A 226 -4.12 -4.69 0.34
C ALA A 226 -3.25 -3.53 0.77
N THR A 227 -1.94 -3.75 0.78
CA THR A 227 -0.96 -2.78 1.24
C THR A 227 -1.10 -1.41 0.56
N PRO A 228 -1.15 -1.35 -0.79
CA PRO A 228 -1.27 -0.05 -1.44
C PRO A 228 -2.62 0.64 -1.22
N HIS A 229 -3.68 -0.12 -0.89
CA HIS A 229 -4.91 0.56 -0.46
C HIS A 229 -4.63 1.41 0.78
N VAL A 230 -3.93 0.82 1.74
CA VAL A 230 -3.58 1.52 2.98
C VAL A 230 -2.58 2.64 2.74
N ALA A 231 -1.57 2.40 1.90
CA ALA A 231 -0.61 3.46 1.57
C ALA A 231 -1.31 4.66 0.92
N GLY A 232 -2.17 4.37 -0.06
CA GLY A 232 -2.93 5.44 -0.71
C GLY A 232 -3.86 6.14 0.26
N LEU A 233 -4.49 5.38 1.15
CA LEU A 233 -5.35 5.99 2.16
C LEU A 233 -4.57 6.94 3.05
N ALA A 234 -3.39 6.52 3.48
CA ALA A 234 -2.55 7.37 4.30
C ALA A 234 -2.21 8.68 3.58
N ALA A 235 -1.82 8.58 2.32
CA ALA A 235 -1.49 9.78 1.55
C ALA A 235 -2.68 10.72 1.47
N TYR A 236 -3.85 10.16 1.18
CA TYR A 236 -5.10 10.90 1.10
C TYR A 236 -5.41 11.62 2.43
N LEU A 237 -5.27 10.91 3.55
CA LEU A 237 -5.58 11.49 4.85
C LEU A 237 -4.55 12.55 5.26
N MET A 238 -3.30 12.35 4.88
CA MET A 238 -2.26 13.33 5.16
CA MET A 238 -2.25 13.32 5.15
C MET A 238 -2.50 14.61 4.35
N THR A 239 -2.90 14.49 3.08
CA THR A 239 -3.25 15.67 2.31
C THR A 239 -4.40 16.43 2.96
N LEU A 240 -5.37 15.71 3.53
CA LEU A 240 -6.47 16.36 4.24
C LEU A 240 -6.05 16.99 5.57
N GLY A 241 -4.83 16.72 6.03
CA GLY A 241 -4.36 17.25 7.30
C GLY A 241 -4.90 16.52 8.51
N LYS A 242 -5.51 15.36 8.30
CA LYS A 242 -6.12 14.63 9.41
C LYS A 242 -5.14 13.85 10.26
N THR A 243 -3.97 13.56 9.71
CA THR A 243 -2.95 12.78 10.40
C THR A 243 -1.60 13.08 9.77
N THR A 244 -0.57 12.44 10.31
CA THR A 244 0.80 12.65 9.90
C THR A 244 1.46 11.32 9.59
N ALA A 245 2.66 11.34 9.02
CA ALA A 245 3.34 10.08 8.69
C ALA A 245 3.56 9.21 9.93
N ALA A 246 3.90 9.85 11.05
CA ALA A 246 4.17 9.10 12.28
C ALA A 246 2.91 8.50 12.90
N SER A 247 1.77 9.13 12.66
CA SER A 247 0.55 8.77 13.36
CA SER A 247 0.52 8.81 13.35
C SER A 247 -0.53 8.14 12.47
N ALA A 248 -0.27 8.04 11.16
CA ALA A 248 -1.30 7.63 10.21
C ALA A 248 -1.77 6.21 10.39
N CYS A 249 -0.88 5.27 10.69
CA CYS A 249 -1.30 3.89 10.89
C CYS A 249 -2.28 3.81 12.06
N ARG A 250 -1.93 4.44 13.17
CA ARG A 250 -2.79 4.50 14.35
CA ARG A 250 -2.79 4.47 14.33
C ARG A 250 -4.12 5.16 14.03
N TYR A 251 -4.08 6.25 13.28
CA TYR A 251 -5.28 6.96 12.89
C TYR A 251 -6.20 6.06 12.03
N ILE A 252 -5.59 5.37 11.08
CA ILE A 252 -6.34 4.44 10.23
C ILE A 252 -6.99 3.35 11.11
N ALA A 253 -6.25 2.80 12.06
CA ALA A 253 -6.82 1.81 12.97
C ALA A 253 -7.95 2.44 13.81
N ASP A 254 -7.75 3.67 14.30
CA ASP A 254 -8.76 4.35 15.11
C ASP A 254 -10.08 4.52 14.36
N THR A 255 -9.98 4.79 13.06
CA THR A 255 -11.11 5.20 12.25
C THR A 255 -11.62 4.07 11.35
N ALA A 256 -11.06 2.87 11.51
CA ALA A 256 -11.42 1.74 10.69
C ALA A 256 -12.86 1.27 10.95
N ASN A 257 -13.41 0.53 9.99
CA ASN A 257 -14.58 -0.28 10.27
C ASN A 257 -14.17 -1.42 11.20
N LYS A 258 -14.88 -1.55 12.31
CA LYS A 258 -14.50 -2.48 13.35
CA LYS A 258 -14.56 -2.46 13.40
C LYS A 258 -15.48 -3.66 13.42
N GLY A 259 -14.93 -4.85 13.54
CA GLY A 259 -15.73 -6.03 13.78
C GLY A 259 -16.50 -6.56 12.60
N ASP A 260 -16.14 -6.17 11.39
N ASP A 260 -16.17 -6.05 11.39
CA ASP A 260 -16.95 -6.54 10.25
CA ASP A 260 -16.86 -6.36 10.10
C ASP A 260 -16.38 -7.65 9.40
C ASP A 260 -16.40 -7.67 9.45
N LEU A 261 -15.16 -8.10 9.70
CA LEU A 261 -14.54 -9.19 8.97
C LEU A 261 -14.78 -10.54 9.62
N SER A 262 -14.92 -11.56 8.78
CA SER A 262 -15.02 -12.93 9.26
C SER A 262 -13.71 -13.70 9.12
N ASN A 263 -13.62 -14.79 9.87
CA ASN A 263 -12.43 -15.62 9.93
C ASN A 263 -11.17 -14.89 10.38
N ILE A 264 -11.34 -13.94 11.28
CA ILE A 264 -10.21 -13.27 11.92
C ILE A 264 -9.86 -14.09 13.17
N PRO A 265 -8.63 -14.65 13.24
CA PRO A 265 -8.29 -15.47 14.39
C PRO A 265 -8.31 -14.65 15.66
N PHE A 266 -8.65 -15.32 16.74
CA PHE A 266 -8.63 -14.70 18.04
C PHE A 266 -7.24 -14.04 18.27
N GLY A 267 -7.22 -12.76 18.66
CA GLY A 267 -5.95 -12.03 18.90
C GLY A 267 -5.41 -11.20 17.73
N THR A 268 -6.08 -11.26 16.59
CA THR A 268 -5.77 -10.41 15.44
C THR A 268 -6.81 -9.31 15.38
N VAL A 269 -6.39 -8.09 15.05
CA VAL A 269 -7.36 -6.99 14.94
C VAL A 269 -8.42 -7.28 13.88
N ASN A 270 -9.64 -6.85 14.19
CA ASN A 270 -10.75 -6.91 13.23
C ASN A 270 -11.06 -5.49 12.80
N LEU A 271 -10.21 -4.96 11.93
CA LEU A 271 -10.20 -3.56 11.54
C LEU A 271 -9.98 -3.50 10.04
N LEU A 272 -10.87 -2.81 9.33
CA LEU A 272 -10.84 -2.71 7.88
C LEU A 272 -10.69 -1.22 7.51
N ALA A 273 -9.68 -0.91 6.72
CA ALA A 273 -9.36 0.46 6.34
C ALA A 273 -10.58 1.17 5.77
N TYR A 274 -10.78 2.42 6.23
CA TYR A 274 -11.97 3.17 5.92
C TYR A 274 -11.64 4.66 5.92
N ASN A 275 -12.03 5.39 4.88
CA ASN A 275 -11.68 6.80 4.76
C ASN A 275 -12.60 7.75 5.52
N ASN A 276 -13.70 7.26 6.06
CA ASN A 276 -14.68 8.08 6.76
CA ASN A 276 -14.67 8.09 6.78
C ASN A 276 -15.02 9.38 6.02
N TYR A 277 -15.12 9.27 4.69
CA TYR A 277 -15.46 10.44 3.90
C TYR A 277 -16.97 10.66 3.92
N GLN A 278 -17.35 11.85 4.38
CA GLN A 278 -18.73 12.31 4.41
C GLN A 278 -18.85 13.60 3.58
N ALA A 279 -19.53 13.48 2.45
CA ALA A 279 -20.01 14.63 1.73
C ALA A 279 -21.10 15.27 2.59
#